data_4ZQU
#
_entry.id   4ZQU
#
_cell.length_a   63.510
_cell.length_b   68.310
_cell.length_c   71.419
_cell.angle_alpha   90.00
_cell.angle_beta   92.18
_cell.angle_gamma   90.00
#
_symmetry.space_group_name_H-M   'C 1 2 1'
#
loop_
_entity.id
_entity.type
_entity.pdbx_description
1 polymer 'CdiA-CT toxin, Conserved domain protein'
2 polymer 'CdiI toxin'
3 non-polymer 'CHLORIDE ION'
4 water water
#
loop_
_entity_poly.entity_id
_entity_poly.type
_entity_poly.pdbx_seq_one_letter_code
_entity_poly.pdbx_strand_id
1 'polypeptide(L)'
;MPWEDYVGKTLPVGSRLPPNFKTYDYFDRATGAVVSAKSLDTQTMAKLSNPNQVYSSIKKNIDVTAKFEKASLSGVTVNS
SMITSKEVRLAVPVNTTKAQWTEINRAIEYGKNQGVKVTVTQVK
;
A
2 'polypeptide(L)'
;MNDIVKSAWASVKMNTDFICVDTYSGYRSNQLDPLGVQHLSSPDVSDLDLGEMVKDALSHSRFVLPAPRTDIWIHPEVTF
DLDLYDSRRTVERYDEWVKKLMVHYGYKTKRALFKDMKSCDICCNHDAITISPTRHEKLEVWGGTGLKGSDNVILSVDSS
PTEIGAGLRLALSRCKGLEHHHHHH
;
B
#
# COMPACT_ATOMS: atom_id res chain seq x y z
N MET A 1 22.03 -14.74 -0.54
CA MET A 1 20.59 -14.62 -0.37
C MET A 1 20.00 -13.83 -1.54
N PRO A 2 18.69 -14.00 -1.79
CA PRO A 2 18.05 -13.24 -2.88
C PRO A 2 18.23 -11.74 -2.71
N TRP A 3 18.30 -11.02 -3.83
CA TRP A 3 18.57 -9.59 -3.80
C TRP A 3 17.54 -8.83 -2.97
N GLU A 4 16.28 -9.20 -3.12
CA GLU A 4 15.18 -8.53 -2.41
C GLU A 4 15.34 -8.67 -0.90
N ASP A 5 15.82 -9.82 -0.46
CA ASP A 5 16.03 -10.07 0.96
C ASP A 5 17.28 -9.37 1.47
N TYR A 6 18.32 -9.33 0.64
CA TYR A 6 19.55 -8.63 0.97
C TYR A 6 19.31 -7.15 1.19
N VAL A 7 18.44 -6.56 0.36
CA VAL A 7 18.07 -5.17 0.50
C VAL A 7 17.44 -4.91 1.87
N GLY A 8 16.71 -5.89 2.38
CA GLY A 8 16.06 -5.78 3.68
C GLY A 8 17.00 -5.78 4.88
N LYS A 9 18.21 -6.30 4.68
CA LYS A 9 19.18 -6.39 5.76
C LYS A 9 19.66 -5.01 6.21
N THR A 10 19.64 -4.05 5.30
CA THR A 10 20.11 -2.70 5.57
C THR A 10 18.96 -1.76 5.96
N LEU A 11 17.77 -2.32 6.11
CA LEU A 11 16.58 -1.53 6.39
C LEU A 11 15.94 -1.93 7.72
N PRO A 12 15.24 -0.98 8.36
CA PRO A 12 14.55 -1.24 9.65
C PRO A 12 13.53 -2.37 9.55
N VAL A 13 13.30 -3.06 10.67
CA VAL A 13 12.37 -4.19 10.67
C VAL A 13 10.94 -3.73 10.41
N GLY A 14 10.16 -4.58 9.77
CA GLY A 14 8.78 -4.27 9.45
C GLY A 14 8.63 -3.48 8.17
N SER A 15 9.73 -3.27 7.47
CA SER A 15 9.74 -2.48 6.24
C SER A 15 9.23 -3.25 5.04
N ARG A 16 9.44 -4.57 5.05
CA ARG A 16 9.07 -5.42 3.92
C ARG A 16 7.57 -5.40 3.63
N LEU A 17 7.22 -4.99 2.42
CA LEU A 17 5.85 -5.01 1.95
C LEU A 17 5.49 -6.40 1.44
N PRO A 18 4.19 -6.76 1.50
CA PRO A 18 3.76 -8.05 0.97
C PRO A 18 4.06 -8.16 -0.53
N PRO A 19 4.31 -9.38 -1.02
CA PRO A 19 4.76 -9.62 -2.39
C PRO A 19 3.95 -8.89 -3.46
N ASN A 20 4.63 -8.47 -4.51
CA ASN A 20 4.01 -7.83 -5.67
C ASN A 20 3.23 -6.56 -5.32
N PHE A 21 3.73 -5.80 -4.36
CA PHE A 21 3.09 -4.54 -4.01
C PHE A 21 3.49 -3.48 -5.01
N LYS A 22 2.92 -3.56 -6.21
CA LYS A 22 3.36 -2.76 -7.35
C LYS A 22 4.85 -2.96 -7.56
N THR A 23 5.60 -1.87 -7.45
CA THR A 23 7.04 -1.90 -7.63
C THR A 23 7.77 -1.77 -6.29
N TYR A 24 7.04 -1.39 -5.25
CA TYR A 24 7.64 -1.16 -3.94
C TYR A 24 7.81 -2.44 -3.15
N ASP A 25 9.03 -2.71 -2.70
CA ASP A 25 9.33 -3.92 -1.96
C ASP A 25 9.48 -3.62 -0.47
N TYR A 26 10.02 -2.44 -0.17
CA TYR A 26 10.19 -2.01 1.21
C TYR A 26 9.59 -0.64 1.47
N PHE A 27 9.13 -0.43 2.70
CA PHE A 27 8.57 0.84 3.11
C PHE A 27 8.99 1.15 4.54
N ASP A 28 9.78 2.20 4.72
CA ASP A 28 10.14 2.65 6.06
C ASP A 28 8.87 3.21 6.71
N ARG A 29 8.31 2.45 7.64
CA ARG A 29 7.01 2.77 8.20
C ARG A 29 7.01 4.05 9.02
N ALA A 30 8.20 4.55 9.35
CA ALA A 30 8.31 5.77 10.15
C ALA A 30 8.68 6.99 9.32
N THR A 31 9.64 6.85 8.41
CA THR A 31 10.14 8.01 7.66
C THR A 31 9.41 8.19 6.32
N GLY A 32 8.92 7.11 5.73
CA GLY A 32 8.18 7.21 4.48
C GLY A 32 9.02 6.97 3.25
N ALA A 33 10.26 6.54 3.46
CA ALA A 33 11.15 6.20 2.35
C ALA A 33 10.74 4.86 1.74
N VAL A 34 10.44 4.86 0.45
CA VAL A 34 10.13 3.61 -0.24
C VAL A 34 11.33 3.10 -1.03
N VAL A 35 11.47 1.78 -1.07
CA VAL A 35 12.57 1.16 -1.80
C VAL A 35 12.05 0.09 -2.75
N SER A 36 12.47 0.17 -4.01
CA SER A 36 12.18 -0.88 -4.97
C SER A 36 13.44 -1.68 -5.28
N ALA A 37 13.41 -2.96 -4.97
CA ALA A 37 14.56 -3.84 -5.18
C ALA A 37 14.48 -4.52 -6.55
N LYS A 38 15.29 -4.05 -7.48
CA LYS A 38 15.35 -4.63 -8.81
C LYS A 38 16.69 -5.33 -9.01
N SER A 39 16.67 -6.48 -9.67
CA SER A 39 17.88 -7.25 -9.89
C SER A 39 17.98 -7.76 -11.32
N LEU A 40 19.19 -7.69 -11.87
CA LEU A 40 19.48 -8.25 -13.19
C LEU A 40 20.57 -9.30 -13.06
N ASP A 41 20.25 -10.55 -13.38
CA ASP A 41 21.27 -11.59 -13.32
C ASP A 41 22.03 -11.67 -14.64
N THR A 42 23.01 -12.56 -14.69
CA THR A 42 23.91 -12.66 -15.84
C THR A 42 23.16 -13.07 -17.11
N GLN A 43 22.16 -13.92 -16.96
CA GLN A 43 21.40 -14.41 -18.10
C GLN A 43 20.50 -13.33 -18.69
N THR A 44 19.79 -12.62 -17.82
CA THR A 44 18.88 -11.56 -18.25
C THR A 44 19.66 -10.38 -18.82
N MET A 45 20.82 -10.10 -18.22
CA MET A 45 21.70 -9.04 -18.71
C MET A 45 22.23 -9.39 -20.10
N ALA A 46 22.52 -10.67 -20.30
CA ALA A 46 22.96 -11.16 -21.60
C ALA A 46 21.81 -11.12 -22.62
N LYS A 47 20.60 -11.40 -22.14
CA LYS A 47 19.43 -11.44 -23.01
C LYS A 47 19.06 -10.05 -23.55
N LEU A 48 19.17 -9.04 -22.69
CA LEU A 48 18.88 -7.67 -23.10
C LEU A 48 20.11 -7.04 -23.76
N SER A 49 20.54 -7.65 -24.85
CA SER A 49 21.78 -7.25 -25.52
C SER A 49 21.56 -6.10 -26.50
N ASN A 50 20.36 -6.03 -27.06
CA ASN A 50 20.04 -4.96 -28.00
C ASN A 50 20.05 -3.61 -27.31
N PRO A 51 20.42 -2.55 -28.04
CA PRO A 51 20.43 -1.19 -27.49
C PRO A 51 19.09 -0.78 -26.90
N ASN A 52 19.14 0.02 -25.84
CA ASN A 52 17.96 0.55 -25.17
C ASN A 52 17.15 -0.49 -24.39
N GLN A 53 17.54 -1.76 -24.47
CA GLN A 53 16.79 -2.82 -23.80
C GLN A 53 16.98 -2.79 -22.29
N VAL A 54 18.20 -2.52 -21.86
CA VAL A 54 18.50 -2.39 -20.44
C VAL A 54 17.86 -1.11 -19.90
N TYR A 55 18.04 -0.01 -20.63
CA TYR A 55 17.46 1.27 -20.26
C TYR A 55 15.95 1.17 -20.10
N SER A 56 15.30 0.47 -21.03
CA SER A 56 13.85 0.29 -20.99
C SER A 56 13.39 -0.41 -19.73
N SER A 57 14.00 -1.56 -19.42
CA SER A 57 13.63 -2.35 -18.26
C SER A 57 13.67 -1.54 -16.98
N ILE A 58 14.72 -0.74 -16.83
CA ILE A 58 14.89 0.11 -15.65
C ILE A 58 13.93 1.28 -15.67
N LYS A 59 13.85 1.96 -16.82
CA LYS A 59 12.93 3.07 -16.99
C LYS A 59 11.50 2.63 -16.72
N LYS A 60 11.18 1.40 -17.12
CA LYS A 60 9.86 0.84 -16.89
C LYS A 60 9.57 0.78 -15.41
N ASN A 61 10.58 0.44 -14.62
CA ASN A 61 10.44 0.40 -13.17
C ASN A 61 10.36 1.80 -12.59
N ILE A 62 11.26 2.68 -13.04
CA ILE A 62 11.31 4.06 -12.56
C ILE A 62 9.98 4.79 -12.70
N ASP A 63 9.35 4.64 -13.86
CA ASP A 63 8.07 5.30 -14.12
C ASP A 63 7.00 4.88 -13.12
N VAL A 64 6.98 3.60 -12.78
CA VAL A 64 6.00 3.07 -11.85
C VAL A 64 6.21 3.61 -10.44
N THR A 65 7.47 3.67 -10.02
CA THR A 65 7.81 4.22 -8.72
C THR A 65 7.40 5.68 -8.63
N ALA A 66 7.62 6.41 -9.72
CA ALA A 66 7.40 7.86 -9.75
C ALA A 66 5.92 8.23 -9.94
N LYS A 67 5.24 7.48 -10.80
CA LYS A 67 3.82 7.74 -11.09
C LYS A 67 2.90 7.05 -10.09
N PHE A 68 3.47 6.58 -8.98
CA PHE A 68 2.68 5.90 -7.96
C PHE A 68 1.79 6.89 -7.20
N GLU A 69 0.49 6.62 -7.19
CA GLU A 69 -0.46 7.43 -6.45
C GLU A 69 -0.95 6.69 -5.21
N LYS A 70 -1.41 5.46 -5.40
CA LYS A 70 -1.97 4.67 -4.32
C LYS A 70 -2.06 3.20 -4.71
N ALA A 71 -1.77 2.32 -3.76
CA ALA A 71 -1.94 0.88 -3.95
C ALA A 71 -2.49 0.24 -2.68
N SER A 72 -3.52 -0.59 -2.85
CA SER A 72 -4.14 -1.28 -1.73
C SER A 72 -4.35 -2.75 -2.08
N LEU A 73 -3.60 -3.62 -1.41
CA LEU A 73 -3.62 -5.04 -1.73
C LEU A 73 -3.08 -5.87 -0.56
N SER A 74 -3.53 -7.11 -0.47
CA SER A 74 -3.13 -8.03 0.61
C SER A 74 -3.41 -7.46 2.00
N GLY A 75 -4.43 -6.60 2.10
CA GLY A 75 -4.82 -6.01 3.36
C GLY A 75 -3.95 -4.83 3.79
N VAL A 76 -3.16 -4.30 2.86
CA VAL A 76 -2.28 -3.16 3.15
C VAL A 76 -2.54 -1.98 2.21
N THR A 77 -2.56 -0.78 2.77
CA THR A 77 -2.82 0.44 1.99
C THR A 77 -1.65 1.41 2.06
N VAL A 78 -1.16 1.84 0.90
CA VAL A 78 -0.11 2.85 0.79
C VAL A 78 -0.45 3.86 -0.29
N ASN A 79 -0.30 5.15 -0.01
CA ASN A 79 -0.44 6.16 -1.06
C ASN A 79 0.73 7.13 -1.06
N SER A 80 0.80 7.97 -2.09
CA SER A 80 1.95 8.83 -2.32
C SER A 80 2.14 9.90 -1.25
N SER A 81 1.07 10.22 -0.52
CA SER A 81 1.13 11.21 0.54
C SER A 81 2.00 10.72 1.70
N MET A 82 2.13 9.40 1.81
CA MET A 82 2.92 8.77 2.86
C MET A 82 4.41 8.75 2.49
N ILE A 83 4.68 8.76 1.19
CA ILE A 83 6.03 8.58 0.67
C ILE A 83 6.84 9.87 0.68
N THR A 84 7.99 9.84 1.33
CA THR A 84 8.84 11.03 1.43
C THR A 84 10.04 10.94 0.50
N SER A 85 10.44 9.73 0.15
CA SER A 85 11.52 9.53 -0.82
C SER A 85 11.35 8.21 -1.55
N LYS A 86 11.85 8.15 -2.77
CA LYS A 86 11.74 6.96 -3.60
C LYS A 86 13.11 6.52 -4.09
N GLU A 87 13.37 5.21 -4.03
CA GLU A 87 14.66 4.69 -4.43
C GLU A 87 14.57 3.33 -5.10
N VAL A 88 15.34 3.15 -6.16
CA VAL A 88 15.48 1.84 -6.77
C VAL A 88 16.86 1.27 -6.47
N ARG A 89 16.88 0.12 -5.78
CA ARG A 89 18.12 -0.58 -5.49
C ARG A 89 18.38 -1.62 -6.57
N LEU A 90 19.33 -1.31 -7.45
CA LEU A 90 19.57 -2.12 -8.65
C LEU A 90 20.82 -2.99 -8.53
N ALA A 91 20.62 -4.30 -8.72
CA ALA A 91 21.74 -5.22 -8.77
C ALA A 91 22.10 -5.54 -10.22
N VAL A 92 23.38 -5.40 -10.57
CA VAL A 92 23.84 -5.73 -11.91
C VAL A 92 25.04 -6.69 -11.83
N PRO A 93 25.13 -7.64 -12.79
CA PRO A 93 26.16 -8.67 -12.79
C PRO A 93 27.51 -8.20 -13.35
N VAL A 94 28.47 -9.11 -13.38
CA VAL A 94 29.82 -8.78 -13.81
C VAL A 94 29.96 -8.73 -15.34
N ASN A 95 29.07 -9.42 -16.04
CA ASN A 95 29.13 -9.47 -17.49
C ASN A 95 28.43 -8.27 -18.14
N THR A 96 28.14 -7.25 -17.33
CA THR A 96 27.57 -6.01 -17.84
C THR A 96 28.58 -5.29 -18.71
N THR A 97 28.23 -5.10 -19.98
CA THR A 97 29.14 -4.48 -20.93
C THR A 97 29.14 -2.96 -20.78
N LYS A 98 30.16 -2.32 -21.34
CA LYS A 98 30.27 -0.87 -21.32
C LYS A 98 29.05 -0.22 -21.93
N ALA A 99 28.59 -0.80 -23.03
CA ALA A 99 27.39 -0.32 -23.71
C ALA A 99 26.17 -0.41 -22.80
N GLN A 100 26.16 -1.41 -21.94
CA GLN A 100 25.06 -1.61 -21.01
C GLN A 100 25.16 -0.67 -19.81
N TRP A 101 26.38 -0.39 -19.36
CA TRP A 101 26.60 0.59 -18.31
C TRP A 101 26.16 1.98 -18.75
N THR A 102 26.24 2.23 -20.06
CA THR A 102 25.79 3.49 -20.63
C THR A 102 24.28 3.64 -20.46
N GLU A 103 23.56 2.54 -20.61
CA GLU A 103 22.12 2.54 -20.42
C GLU A 103 21.77 2.65 -18.94
N ILE A 104 22.57 1.98 -18.11
CA ILE A 104 22.36 2.01 -16.66
C ILE A 104 22.51 3.42 -16.12
N ASN A 105 23.61 4.08 -16.48
CA ASN A 105 23.85 5.44 -16.02
C ASN A 105 22.83 6.42 -16.59
N ARG A 106 22.32 6.11 -17.77
CA ARG A 106 21.30 6.93 -18.40
C ARG A 106 19.99 6.86 -17.62
N ALA A 107 19.63 5.66 -17.19
CA ALA A 107 18.44 5.44 -16.39
C ALA A 107 18.59 6.05 -15.00
N ILE A 108 19.82 6.04 -14.48
CA ILE A 108 20.12 6.67 -13.20
C ILE A 108 19.78 8.16 -13.24
N GLU A 109 20.21 8.81 -14.33
CA GLU A 109 20.00 10.24 -14.47
C GLU A 109 18.55 10.53 -14.83
N TYR A 110 17.94 9.65 -15.61
CA TYR A 110 16.52 9.77 -15.91
C TYR A 110 15.70 9.72 -14.63
N GLY A 111 15.94 8.70 -13.81
CA GLY A 111 15.24 8.55 -12.55
C GLY A 111 15.41 9.74 -11.62
N LYS A 112 16.60 10.32 -11.61
CA LYS A 112 16.90 11.42 -10.69
C LYS A 112 16.06 12.65 -10.99
N ASN A 113 15.88 12.94 -12.28
CA ASN A 113 15.02 14.03 -12.70
C ASN A 113 13.55 13.63 -12.65
N GLN A 114 13.29 12.34 -12.49
CA GLN A 114 11.95 11.83 -12.24
C GLN A 114 11.68 11.75 -10.73
N GLY A 115 12.64 12.20 -9.95
CA GLY A 115 12.50 12.23 -8.50
C GLY A 115 12.74 10.88 -7.84
N VAL A 116 13.48 10.02 -8.54
CA VAL A 116 13.75 8.67 -8.06
C VAL A 116 15.25 8.39 -8.00
N LYS A 117 15.74 8.01 -6.83
CA LYS A 117 17.15 7.69 -6.67
C LYS A 117 17.43 6.25 -7.11
N VAL A 118 18.22 6.10 -8.17
CA VAL A 118 18.61 4.78 -8.64
C VAL A 118 20.00 4.44 -8.14
N THR A 119 20.06 3.46 -7.23
CA THR A 119 21.31 3.05 -6.61
C THR A 119 21.77 1.70 -7.16
N VAL A 120 22.95 1.68 -7.77
CA VAL A 120 23.43 0.47 -8.45
C VAL A 120 24.49 -0.27 -7.63
N THR A 121 24.32 -1.58 -7.50
CA THR A 121 25.26 -2.44 -6.80
C THR A 121 25.79 -3.54 -7.71
N GLN A 122 27.10 -3.66 -7.82
CA GLN A 122 27.71 -4.72 -8.62
C GLN A 122 27.80 -6.03 -7.83
N VAL A 123 27.14 -7.06 -8.33
CA VAL A 123 27.08 -8.36 -7.66
C VAL A 123 28.05 -9.35 -8.30
N LYS A 124 28.85 -10.01 -7.48
CA LYS A 124 29.81 -11.00 -7.97
C LYS A 124 29.12 -12.32 -8.31
N ASP B 3 5.56 16.25 11.65
CA ASP B 3 4.89 15.98 10.39
C ASP B 3 3.76 14.97 10.57
N ILE B 4 4.09 13.80 11.09
CA ILE B 4 3.09 12.76 11.32
C ILE B 4 2.31 13.02 12.61
N VAL B 5 0.98 12.96 12.51
CA VAL B 5 0.12 13.09 13.68
C VAL B 5 -0.64 11.79 13.90
N LYS B 6 -1.20 11.62 15.09
CA LYS B 6 -1.94 10.42 15.41
C LYS B 6 -3.19 10.31 14.54
N SER B 7 -3.39 9.14 13.95
CA SER B 7 -4.53 8.91 13.08
C SER B 7 -5.18 7.55 13.37
N ALA B 8 -6.37 7.37 12.82
CA ALA B 8 -7.08 6.09 12.90
C ALA B 8 -7.57 5.72 11.51
N TRP B 9 -7.55 4.43 11.20
CA TRP B 9 -7.88 3.97 9.86
C TRP B 9 -8.95 2.89 9.84
N ALA B 10 -9.49 2.66 8.65
CA ALA B 10 -10.43 1.58 8.41
C ALA B 10 -10.48 1.36 6.91
N SER B 11 -11.04 0.21 6.49
N SER B 11 -11.04 0.22 6.50
CA SER B 11 -11.15 -0.08 5.08
CA SER B 11 -11.17 -0.06 5.08
C SER B 11 -12.50 -0.69 4.73
C SER B 11 -12.52 -0.67 4.75
N VAL B 12 -13.07 -0.25 3.61
CA VAL B 12 -14.39 -0.71 3.19
C VAL B 12 -14.33 -1.46 1.86
N LYS B 13 -14.83 -2.69 1.87
CA LYS B 13 -14.96 -3.49 0.65
C LYS B 13 -16.43 -3.78 0.36
N MET B 14 -16.86 -3.54 -0.86
CA MET B 14 -18.27 -3.71 -1.22
C MET B 14 -18.48 -4.36 -2.58
N ASN B 15 -19.16 -5.51 -2.58
CA ASN B 15 -19.70 -6.06 -3.81
C ASN B 15 -21.22 -6.07 -3.78
N THR B 16 -21.83 -6.90 -4.63
CA THR B 16 -23.28 -6.94 -4.72
C THR B 16 -23.90 -7.46 -3.43
N ASP B 17 -23.22 -8.39 -2.79
CA ASP B 17 -23.80 -9.16 -1.69
C ASP B 17 -23.61 -8.54 -0.31
N PHE B 18 -22.59 -7.71 -0.14
CA PHE B 18 -22.33 -7.13 1.18
C PHE B 18 -21.50 -5.85 1.19
N ILE B 19 -21.46 -5.22 2.35
CA ILE B 19 -20.54 -4.13 2.64
C ILE B 19 -19.69 -4.51 3.84
N CYS B 20 -18.37 -4.42 3.70
CA CYS B 20 -17.46 -4.90 4.73
C CYS B 20 -16.54 -3.80 5.25
N VAL B 21 -16.65 -3.49 6.54
CA VAL B 21 -15.80 -2.49 7.17
C VAL B 21 -14.85 -3.12 8.17
N ASP B 22 -13.54 -2.95 7.92
CA ASP B 22 -12.51 -3.50 8.79
C ASP B 22 -11.65 -2.40 9.41
N THR B 23 -11.15 -2.66 10.61
CA THR B 23 -10.20 -1.77 11.26
C THR B 23 -8.81 -1.92 10.63
N TYR B 24 -8.22 -0.80 10.22
CA TYR B 24 -6.83 -0.77 9.78
C TYR B 24 -6.01 0.00 10.81
N SER B 25 -4.73 -0.35 10.92
CA SER B 25 -3.86 0.29 11.89
C SER B 25 -2.50 0.56 11.28
N GLY B 26 -1.81 1.57 11.82
CA GLY B 26 -0.47 1.86 11.36
C GLY B 26 0.07 3.20 11.82
N TYR B 27 0.79 3.85 10.92
CA TYR B 27 1.53 5.07 11.22
C TYR B 27 1.53 5.93 9.98
N ARG B 28 2.26 5.48 8.97
CA ARG B 28 2.17 6.06 7.63
C ARG B 28 1.28 5.15 6.79
N SER B 29 1.77 3.94 6.52
CA SER B 29 0.91 2.92 5.91
C SER B 29 -0.09 2.43 6.94
N ASN B 30 -1.22 1.90 6.48
CA ASN B 30 -2.20 1.30 7.36
C ASN B 30 -2.69 -0.02 6.78
N GLN B 31 -2.91 -1.00 7.65
CA GLN B 31 -3.23 -2.34 7.18
C GLN B 31 -4.18 -3.09 8.10
N LEU B 32 -4.78 -4.16 7.57
CA LEU B 32 -5.71 -5.01 8.31
C LEU B 32 -5.16 -5.39 9.67
N ASP B 33 -5.86 -4.93 10.72
CA ASP B 33 -5.46 -5.20 12.09
C ASP B 33 -6.16 -6.44 12.63
N PRO B 34 -5.37 -7.50 12.93
CA PRO B 34 -5.95 -8.73 13.48
C PRO B 34 -6.57 -8.52 14.86
N LEU B 35 -6.28 -7.40 15.51
CA LEU B 35 -6.86 -7.08 16.80
C LEU B 35 -8.02 -6.11 16.64
N GLY B 36 -8.22 -5.64 15.41
CA GLY B 36 -9.31 -4.71 15.11
C GLY B 36 -10.63 -5.43 14.96
N VAL B 37 -11.67 -4.69 14.61
CA VAL B 37 -13.00 -5.26 14.47
C VAL B 37 -13.51 -5.21 13.02
N GLN B 38 -14.42 -6.11 12.70
CA GLN B 38 -15.03 -6.16 11.38
C GLN B 38 -16.55 -6.05 11.47
N HIS B 39 -17.13 -5.24 10.59
CA HIS B 39 -18.58 -5.11 10.53
C HIS B 39 -19.08 -5.47 9.13
N LEU B 40 -19.82 -6.58 9.04
CA LEU B 40 -20.45 -6.99 7.80
C LEU B 40 -21.90 -6.52 7.75
N SER B 41 -22.36 -6.14 6.57
CA SER B 41 -23.72 -5.64 6.41
C SER B 41 -24.26 -5.86 5.00
N SER B 42 -25.58 -5.81 4.86
CA SER B 42 -26.20 -5.87 3.54
C SER B 42 -26.09 -4.48 2.93
N PRO B 43 -25.89 -4.41 1.60
CA PRO B 43 -25.64 -3.16 0.88
C PRO B 43 -26.72 -2.08 1.05
N ASP B 44 -27.74 -2.33 1.86
CA ASP B 44 -28.80 -1.34 2.08
C ASP B 44 -28.86 -0.88 3.54
N VAL B 45 -27.73 -0.98 4.24
CA VAL B 45 -27.63 -0.52 5.62
C VAL B 45 -27.86 0.99 5.70
N SER B 46 -28.55 1.46 6.73
CA SER B 46 -28.78 2.88 6.93
C SER B 46 -27.47 3.65 7.13
N ASP B 47 -27.46 4.92 6.74
CA ASP B 47 -26.27 5.76 6.88
C ASP B 47 -25.88 5.94 8.34
N LEU B 48 -26.85 5.80 9.23
CA LEU B 48 -26.60 5.90 10.66
C LEU B 48 -25.79 4.69 11.12
N ASP B 49 -26.31 3.50 10.86
CA ASP B 49 -25.67 2.26 11.26
C ASP B 49 -24.33 2.07 10.58
N LEU B 50 -24.32 2.26 9.25
CA LEU B 50 -23.10 2.17 8.47
C LEU B 50 -22.04 3.13 8.99
N GLY B 51 -22.48 4.30 9.43
CA GLY B 51 -21.58 5.31 9.96
C GLY B 51 -21.07 4.97 11.35
N GLU B 52 -21.90 4.30 12.14
CA GLU B 52 -21.48 3.85 13.45
C GLU B 52 -20.57 2.63 13.31
N MET B 53 -20.74 1.89 12.21
CA MET B 53 -19.86 0.79 11.87
C MET B 53 -18.47 1.32 11.57
N VAL B 54 -18.41 2.42 10.83
CA VAL B 54 -17.15 3.05 10.49
C VAL B 54 -16.48 3.63 11.73
N LYS B 55 -17.27 4.28 12.58
CA LYS B 55 -16.71 4.92 13.77
C LYS B 55 -16.21 3.91 14.80
N ASP B 56 -16.97 2.82 14.96
CA ASP B 56 -16.59 1.76 15.90
C ASP B 56 -15.31 1.07 15.45
N ALA B 57 -15.18 0.87 14.14
CA ALA B 57 -13.97 0.29 13.56
C ALA B 57 -12.78 1.22 13.75
N LEU B 58 -13.01 2.51 13.59
CA LEU B 58 -11.97 3.53 13.77
C LEU B 58 -11.48 3.58 15.21
N SER B 59 -12.39 3.35 16.14
CA SER B 59 -12.06 3.42 17.56
C SER B 59 -11.11 2.30 17.97
N HIS B 60 -11.07 1.24 17.17
CA HIS B 60 -10.19 0.11 17.46
C HIS B 60 -8.87 0.21 16.70
N SER B 61 -8.69 1.30 15.97
CA SER B 61 -7.47 1.50 15.20
C SER B 61 -6.30 1.83 16.10
N ARG B 62 -5.13 1.32 15.75
CA ARG B 62 -3.91 1.56 16.53
C ARG B 62 -2.92 2.45 15.79
N PHE B 63 -2.30 3.34 16.56
CA PHE B 63 -1.23 4.20 16.05
C PHE B 63 0.10 3.55 16.41
N VAL B 64 0.63 2.77 15.48
CA VAL B 64 1.65 1.78 15.81
C VAL B 64 2.76 1.65 14.76
N LEU B 65 3.97 1.38 15.22
CA LEU B 65 5.12 1.12 14.36
C LEU B 65 5.64 -0.31 14.59
N PRO B 66 6.45 -0.84 13.65
CA PRO B 66 6.96 -2.21 13.83
C PRO B 66 7.77 -2.39 15.12
N ALA B 67 8.67 -1.44 15.38
CA ALA B 67 9.55 -1.52 16.53
C ALA B 67 10.09 -0.12 16.83
N PRO B 68 10.64 0.08 18.04
CA PRO B 68 11.26 1.37 18.37
C PRO B 68 12.40 1.76 17.41
N ARG B 69 12.44 3.03 17.04
CA ARG B 69 13.52 3.57 16.21
C ARG B 69 14.28 4.64 16.99
N THR B 70 15.60 4.56 16.96
CA THR B 70 16.43 5.51 17.70
C THR B 70 17.16 6.46 16.77
N ASP B 71 17.29 6.06 15.50
CA ASP B 71 18.07 6.82 14.53
C ASP B 71 17.30 8.00 13.96
N ILE B 72 16.04 8.13 14.36
CA ILE B 72 15.16 9.18 13.85
C ILE B 72 14.26 9.74 14.93
N TRP B 73 13.45 10.73 14.56
CA TRP B 73 12.37 11.20 15.42
C TRP B 73 11.17 10.28 15.26
N ILE B 74 10.56 9.91 16.38
CA ILE B 74 9.32 9.15 16.33
C ILE B 74 8.28 9.79 17.23
N HIS B 75 7.02 9.66 16.83
CA HIS B 75 5.91 10.22 17.60
C HIS B 75 5.86 9.62 19.01
N PRO B 76 5.72 10.47 20.03
CA PRO B 76 5.68 10.03 21.42
C PRO B 76 4.44 9.22 21.78
N GLU B 77 3.44 9.22 20.92
CA GLU B 77 2.19 8.53 21.20
C GLU B 77 2.14 7.13 20.58
N VAL B 78 3.09 6.85 19.69
CA VAL B 78 3.02 5.64 18.88
C VAL B 78 3.32 4.39 19.71
N THR B 79 2.63 3.29 19.39
CA THR B 79 2.89 2.01 20.04
C THR B 79 3.67 1.11 19.09
N PHE B 80 3.97 -0.11 19.52
CA PHE B 80 4.78 -1.00 18.71
C PHE B 80 4.21 -2.41 18.64
N ASP B 81 4.26 -3.00 17.44
CA ASP B 81 3.75 -4.35 17.21
C ASP B 81 4.44 -4.95 16.00
N LEU B 82 5.39 -5.84 16.23
CA LEU B 82 6.18 -6.42 15.15
C LEU B 82 5.39 -7.40 14.29
N ASP B 83 4.49 -8.14 14.91
CA ASP B 83 3.71 -9.17 14.22
C ASP B 83 2.68 -8.58 13.26
N LEU B 84 2.20 -7.39 13.56
CA LEU B 84 1.29 -6.70 12.66
C LEU B 84 1.97 -6.44 11.32
N TYR B 85 3.18 -5.90 11.39
CA TYR B 85 3.92 -5.49 10.21
C TYR B 85 4.66 -6.63 9.51
N ASP B 86 4.77 -7.78 10.17
CA ASP B 86 5.46 -8.94 9.60
C ASP B 86 4.82 -9.40 8.28
N SER B 87 5.64 -9.52 7.25
CA SER B 87 5.15 -9.75 5.88
C SER B 87 4.45 -11.10 5.72
N ARG B 88 4.89 -12.10 6.46
CA ARG B 88 4.28 -13.42 6.38
C ARG B 88 2.93 -13.42 7.09
N ARG B 89 2.90 -12.90 8.31
CA ARG B 89 1.66 -12.80 9.07
C ARG B 89 0.64 -11.94 8.34
N THR B 90 1.14 -10.87 7.72
CA THR B 90 0.30 -9.97 6.95
C THR B 90 -0.47 -10.71 5.85
N VAL B 91 0.27 -11.46 5.03
CA VAL B 91 -0.33 -12.20 3.93
C VAL B 91 -1.26 -13.28 4.43
N GLU B 92 -0.88 -13.95 5.52
CA GLU B 92 -1.66 -15.07 6.04
C GLU B 92 -3.01 -14.64 6.64
N ARG B 93 -3.02 -13.51 7.35
CA ARG B 93 -4.26 -13.02 7.95
C ARG B 93 -5.15 -12.43 6.87
N TYR B 94 -4.54 -12.01 5.77
CA TYR B 94 -5.29 -11.58 4.60
C TYR B 94 -5.98 -12.80 3.97
N ASP B 95 -5.25 -13.90 3.86
CA ASP B 95 -5.78 -15.13 3.29
C ASP B 95 -6.93 -15.67 4.14
N GLU B 96 -6.85 -15.47 5.44
CA GLU B 96 -7.93 -15.86 6.34
C GLU B 96 -9.11 -14.89 6.21
N TRP B 97 -8.79 -13.62 6.01
CA TRP B 97 -9.81 -12.62 5.78
C TRP B 97 -10.60 -12.95 4.51
N VAL B 98 -9.87 -13.35 3.47
CA VAL B 98 -10.47 -13.73 2.20
C VAL B 98 -11.29 -15.00 2.34
N LYS B 99 -10.71 -16.00 3.01
CA LYS B 99 -11.34 -17.31 3.14
C LYS B 99 -12.66 -17.21 3.90
N LYS B 100 -12.69 -16.43 4.97
CA LYS B 100 -13.89 -16.27 5.79
C LYS B 100 -15.06 -15.69 4.99
N LEU B 101 -14.75 -14.85 4.00
CA LEU B 101 -15.78 -14.21 3.19
C LEU B 101 -16.32 -15.16 2.13
N MET B 102 -15.45 -15.96 1.54
CA MET B 102 -15.87 -16.93 0.54
C MET B 102 -16.73 -18.02 1.17
N VAL B 103 -16.37 -18.44 2.38
CA VAL B 103 -17.11 -19.48 3.08
C VAL B 103 -18.46 -18.94 3.57
N HIS B 104 -18.44 -17.72 4.09
CA HIS B 104 -19.66 -17.09 4.61
C HIS B 104 -20.68 -16.87 3.50
N TYR B 105 -20.21 -16.44 2.33
CA TYR B 105 -21.11 -16.11 1.23
C TYR B 105 -21.12 -17.16 0.12
N GLY B 106 -20.45 -18.29 0.37
CA GLY B 106 -20.46 -19.42 -0.53
C GLY B 106 -20.00 -19.10 -1.95
N TYR B 107 -18.86 -18.42 -2.06
CA TYR B 107 -18.34 -18.03 -3.37
C TYR B 107 -17.69 -19.20 -4.11
N LYS B 108 -16.95 -20.02 -3.37
CA LYS B 108 -16.24 -21.20 -3.92
C LYS B 108 -15.22 -20.81 -4.98
N THR B 109 -14.89 -19.52 -5.04
CA THR B 109 -13.89 -19.00 -5.97
C THR B 109 -13.52 -17.56 -5.63
N LYS B 110 -12.22 -17.27 -5.67
CA LYS B 110 -11.72 -15.96 -5.31
C LYS B 110 -12.08 -14.92 -6.35
N ARG B 111 -12.18 -15.36 -7.61
CA ARG B 111 -12.41 -14.43 -8.70
C ARG B 111 -13.81 -13.83 -8.70
N ALA B 112 -14.79 -14.55 -8.16
CA ALA B 112 -16.16 -14.04 -8.08
C ALA B 112 -16.33 -13.16 -6.84
N LEU B 113 -15.50 -13.41 -5.83
CA LEU B 113 -15.49 -12.58 -4.62
C LEU B 113 -15.10 -11.14 -4.94
N PHE B 114 -13.97 -10.99 -5.62
CA PHE B 114 -13.39 -9.68 -5.88
C PHE B 114 -13.91 -9.04 -7.17
N LYS B 115 -14.56 -9.84 -8.02
CA LYS B 115 -14.98 -9.39 -9.34
C LYS B 115 -15.74 -8.06 -9.32
N ASP B 116 -16.74 -7.96 -8.44
CA ASP B 116 -17.55 -6.75 -8.38
C ASP B 116 -17.29 -5.97 -7.10
N MET B 117 -16.04 -5.96 -6.65
CA MET B 117 -15.71 -5.35 -5.37
C MET B 117 -14.99 -4.01 -5.50
N LYS B 118 -15.57 -2.99 -4.88
CA LYS B 118 -14.94 -1.67 -4.80
C LYS B 118 -14.31 -1.49 -3.43
N SER B 119 -13.39 -0.54 -3.31
CA SER B 119 -12.69 -0.32 -2.04
C SER B 119 -12.54 1.17 -1.72
N CYS B 120 -12.84 1.52 -0.47
CA CYS B 120 -12.68 2.89 0.00
C CYS B 120 -11.80 2.94 1.25
N ASP B 121 -10.86 3.88 1.27
CA ASP B 121 -9.96 4.07 2.40
C ASP B 121 -10.53 5.10 3.37
N ILE B 122 -10.46 4.82 4.67
CA ILE B 122 -10.88 5.78 5.68
C ILE B 122 -9.72 6.11 6.62
N CYS B 123 -9.45 7.40 6.79
CA CYS B 123 -8.46 7.88 7.74
C CYS B 123 -9.05 9.03 8.56
N CYS B 124 -8.67 9.12 9.83
CA CYS B 124 -9.21 10.15 10.70
C CYS B 124 -8.14 10.70 11.64
N ASN B 125 -8.07 12.02 11.75
CA ASN B 125 -7.23 12.64 12.75
C ASN B 125 -7.92 13.86 13.35
N HIS B 126 -7.14 14.72 13.98
CA HIS B 126 -7.70 15.92 14.62
C HIS B 126 -8.28 16.88 13.58
N ASP B 127 -7.81 16.76 12.34
CA ASP B 127 -8.12 17.73 11.31
C ASP B 127 -9.39 17.41 10.52
N ALA B 128 -9.50 16.17 10.05
CA ALA B 128 -10.66 15.78 9.23
C ALA B 128 -10.78 14.27 9.09
N ILE B 129 -11.96 13.83 8.64
CA ILE B 129 -12.18 12.45 8.25
C ILE B 129 -12.12 12.32 6.73
N THR B 130 -11.15 11.55 6.24
CA THR B 130 -10.97 11.42 4.80
C THR B 130 -11.41 10.06 4.28
N ILE B 131 -12.35 10.07 3.35
CA ILE B 131 -12.83 8.85 2.70
C ILE B 131 -12.39 8.87 1.24
N SER B 132 -11.52 7.93 0.89
CA SER B 132 -10.85 7.95 -0.42
C SER B 132 -11.27 6.78 -1.30
N PRO B 133 -11.85 7.09 -2.46
CA PRO B 133 -12.22 6.04 -3.43
C PRO B 133 -11.00 5.49 -4.16
N THR B 134 -11.16 4.35 -4.83
CA THR B 134 -10.06 3.73 -5.55
C THR B 134 -10.47 3.32 -6.97
N ARG B 135 -9.49 2.97 -7.78
CA ARG B 135 -9.76 2.32 -9.06
C ARG B 135 -9.37 0.85 -8.95
N HIS B 136 -10.35 -0.03 -9.13
CA HIS B 136 -10.12 -1.46 -9.04
C HIS B 136 -9.20 -1.93 -10.18
N GLU B 137 -7.91 -1.82 -9.95
CA GLU B 137 -6.92 -2.13 -10.98
C GLU B 137 -6.90 -3.61 -11.35
N LYS B 138 -6.55 -4.45 -10.38
CA LYS B 138 -6.62 -5.90 -10.56
C LYS B 138 -7.63 -6.44 -9.58
N LEU B 139 -7.95 -7.73 -9.69
CA LEU B 139 -8.97 -8.34 -8.82
C LEU B 139 -8.69 -8.09 -7.35
N GLU B 140 -7.45 -8.27 -6.94
CA GLU B 140 -7.07 -8.07 -5.55
C GLU B 140 -6.18 -6.84 -5.36
N VAL B 141 -6.21 -5.93 -6.33
CA VAL B 141 -5.42 -4.71 -6.25
C VAL B 141 -6.22 -3.46 -6.60
N TRP B 142 -6.33 -2.55 -5.64
CA TRP B 142 -6.97 -1.26 -5.88
C TRP B 142 -5.91 -0.15 -5.87
N GLY B 143 -6.25 1.01 -6.42
CA GLY B 143 -5.29 2.09 -6.52
C GLY B 143 -5.87 3.44 -6.86
N GLY B 144 -5.02 4.33 -7.38
CA GLY B 144 -5.41 5.69 -7.70
C GLY B 144 -6.54 5.79 -8.71
N THR B 145 -7.45 6.72 -8.47
CA THR B 145 -8.68 6.88 -9.26
C THR B 145 -8.62 7.43 -10.71
N GLY B 146 -7.67 8.29 -11.09
CA GLY B 146 -6.63 8.85 -10.25
C GLY B 146 -6.49 10.34 -10.45
N LEU B 147 -7.03 11.10 -9.51
CA LEU B 147 -6.96 12.55 -9.54
C LEU B 147 -5.97 12.97 -8.47
N LYS B 148 -5.90 14.26 -8.15
CA LYS B 148 -4.79 14.72 -7.31
C LYS B 148 -5.13 15.45 -6.01
N GLY B 149 -5.89 14.86 -5.09
CA GLY B 149 -6.68 13.66 -5.28
C GLY B 149 -8.10 14.11 -5.01
N SER B 150 -8.58 14.97 -5.90
CA SER B 150 -9.76 15.81 -5.68
C SER B 150 -11.07 15.08 -5.42
N ASP B 151 -11.10 13.77 -5.62
CA ASP B 151 -12.35 13.05 -5.53
C ASP B 151 -12.58 12.42 -4.15
N ASN B 152 -11.69 12.70 -3.20
CA ASN B 152 -11.87 12.22 -1.85
C ASN B 152 -13.04 12.90 -1.15
N VAL B 153 -13.74 12.14 -0.33
CA VAL B 153 -14.80 12.71 0.51
C VAL B 153 -14.21 13.11 1.85
N ILE B 154 -14.03 14.41 2.03
CA ILE B 154 -13.46 14.93 3.27
C ILE B 154 -14.56 15.49 4.16
N LEU B 155 -14.66 14.97 5.38
CA LEU B 155 -15.70 15.38 6.30
C LEU B 155 -15.11 16.00 7.57
N SER B 156 -15.92 16.82 8.23
CA SER B 156 -15.52 17.43 9.50
C SER B 156 -15.35 16.34 10.56
N VAL B 157 -14.49 16.61 11.55
CA VAL B 157 -14.27 15.65 12.63
C VAL B 157 -15.50 15.52 13.53
N ASP B 158 -16.38 16.52 13.48
CA ASP B 158 -17.59 16.52 14.30
C ASP B 158 -18.79 15.97 13.54
N SER B 159 -18.52 15.35 12.39
CA SER B 159 -19.58 14.76 11.56
C SER B 159 -20.37 13.73 12.36
N SER B 160 -21.68 13.75 12.21
CA SER B 160 -22.53 12.74 12.83
C SER B 160 -22.33 11.40 12.13
N PRO B 161 -22.65 10.29 12.82
CA PRO B 161 -22.59 8.96 12.22
C PRO B 161 -23.36 8.85 10.90
N THR B 162 -24.51 9.52 10.82
CA THR B 162 -25.31 9.53 9.60
C THR B 162 -24.58 10.25 8.48
N GLU B 163 -23.93 11.37 8.82
CA GLU B 163 -23.14 12.13 7.86
C GLU B 163 -21.94 11.31 7.37
N ILE B 164 -21.39 10.50 8.26
CA ILE B 164 -20.24 9.68 7.93
C ILE B 164 -20.63 8.52 7.01
N GLY B 165 -21.71 7.82 7.35
CA GLY B 165 -22.22 6.77 6.50
C GLY B 165 -22.62 7.29 5.14
N ALA B 166 -23.20 8.49 5.11
CA ALA B 166 -23.61 9.13 3.87
C ALA B 166 -22.40 9.49 3.00
N GLY B 167 -21.35 9.99 3.65
CA GLY B 167 -20.14 10.33 2.94
C GLY B 167 -19.46 9.12 2.34
N LEU B 168 -19.57 7.99 3.04
CA LEU B 168 -18.98 6.75 2.57
C LEU B 168 -19.63 6.29 1.27
N ARG B 169 -20.96 6.40 1.20
CA ARG B 169 -21.68 6.00 0.00
C ARG B 169 -21.36 6.93 -1.16
N LEU B 170 -21.08 8.20 -0.84
CA LEU B 170 -20.66 9.16 -1.85
C LEU B 170 -19.32 8.75 -2.44
N ALA B 171 -18.45 8.22 -1.60
CA ALA B 171 -17.13 7.77 -2.06
C ALA B 171 -17.24 6.47 -2.83
N LEU B 172 -18.19 5.62 -2.43
CA LEU B 172 -18.41 4.34 -3.10
C LEU B 172 -18.94 4.54 -4.52
N SER B 173 -19.64 5.66 -4.73
CA SER B 173 -20.17 5.98 -6.06
C SER B 173 -19.12 6.68 -6.91
N ARG B 174 -18.00 7.06 -6.29
CA ARG B 174 -16.92 7.74 -6.99
C ARG B 174 -15.80 6.78 -7.39
N CYS B 175 -15.97 5.51 -7.06
CA CYS B 175 -14.97 4.49 -7.38
C CYS B 175 -14.96 4.18 -8.88
N LYS B 176 -13.77 3.95 -9.42
CA LYS B 176 -13.63 3.66 -10.85
C LYS B 176 -13.08 2.25 -11.09
#